data_4HNI
#
_entry.id   4HNI
#
_cell.length_a   111.108
_cell.length_b   111.108
_cell.length_c   155.426
_cell.angle_alpha   90.00
_cell.angle_beta   90.00
_cell.angle_gamma   90.00
#
_symmetry.space_group_name_H-M   'P 43 21 2'
#
loop_
_entity.id
_entity.type
_entity.pdbx_description
1 polymer 'Casein kinase I isoform epsilon'
2 non-polymer 3-[(3-chlorophenoxy)methyl]-1-(tetrahydro-2H-pyran-4-yl)-1H-pyrazolo[3,4-d]pyrimidin-4-amine
3 non-polymer 'SULFATE ION'
4 water water
#
_entity_poly.entity_id   1
_entity_poly.type   'polypeptide(L)'
_entity_poly.pdbx_seq_one_letter_code
;GSMELRVGNKYRLGRKIGSGSFGDIYLGANIASGEEVAIKLECVKTKHPQLHIESKFYKMMQGGVGIPSIKWCGAEGDYN
VMVMELLGPSLEDLFNFCSRKFSLKTVLLLADQMISRIEYIHSKNFIHRDVKPDNFLMGLGKKGNLVYIIDFGLAKKYRD
ARTHQHIPYRENKNLTGTARYASINTHLGIEQSRRDDLESLGYVLMYFNLGSLPWQGLKAATKRQKYERISEKKMSTPIE
VLCKGYPSEFSTYLNFCRSLRFDDKPDYSYLRQLFRNLFHRQGFSYDYVFDWNMLK
;
_entity_poly.pdbx_strand_id   A,B
#
loop_
_chem_comp.id
_chem_comp.type
_chem_comp.name
_chem_comp.formula
16W non-polymer 3-[(3-chlorophenoxy)methyl]-1-(tetrahydro-2H-pyran-4-yl)-1H-pyrazolo[3,4-d]pyrimidin-4-amine 'C17 H18 Cl N5 O2'
SO4 non-polymer 'SULFATE ION' 'O4 S -2'
#
# COMPACT_ATOMS: atom_id res chain seq x y z
N LEU A 5 29.34 9.58 18.91
CA LEU A 5 29.87 8.28 19.40
C LEU A 5 29.35 7.07 18.62
N ARG A 6 30.28 6.20 18.26
CA ARG A 6 29.94 4.98 17.54
C ARG A 6 28.87 4.19 18.29
N VAL A 7 27.72 4.00 17.67
CA VAL A 7 26.64 3.23 18.29
C VAL A 7 26.05 2.11 17.41
N GLY A 8 25.66 1.02 18.07
CA GLY A 8 25.12 -0.11 17.35
C GLY A 8 26.25 -0.67 16.50
N ASN A 9 27.47 -0.59 17.06
CA ASN A 9 28.70 -1.07 16.41
C ASN A 9 29.00 -0.42 15.05
N LYS A 10 27.97 -0.13 14.25
CA LYS A 10 28.17 0.45 12.92
C LYS A 10 27.56 1.82 12.62
N TYR A 11 27.00 2.50 13.62
CA TYR A 11 26.39 3.81 13.36
C TYR A 11 27.06 4.90 14.17
N ARG A 12 27.58 5.90 13.45
CA ARG A 12 28.25 7.04 14.08
C ARG A 12 27.16 8.05 14.40
N LEU A 13 27.15 8.55 15.64
CA LEU A 13 26.15 9.54 16.02
C LEU A 13 26.49 10.85 15.32
N GLY A 14 25.68 11.89 15.53
CA GLY A 14 25.96 13.16 14.89
C GLY A 14 25.14 14.29 15.48
N ARG A 15 25.17 15.45 14.81
CA ARG A 15 24.43 16.66 15.22
C ARG A 15 23.01 16.33 15.66
N LYS A 16 22.49 16.93 16.72
CA LYS A 16 21.10 16.62 17.08
C LYS A 16 20.21 17.62 16.35
N ILE A 17 19.18 17.07 15.72
CA ILE A 17 18.20 17.75 14.88
C ILE A 17 16.89 18.12 15.57
N GLY A 18 16.52 17.36 16.61
CA GLY A 18 15.29 17.64 17.29
C GLY A 18 15.16 17.04 18.68
N SER A 19 14.41 17.73 19.52
CA SER A 19 14.14 17.30 20.89
C SER A 19 12.66 16.97 20.95
N GLY A 20 12.24 16.34 22.04
CA GLY A 20 10.84 16.02 22.19
C GLY A 20 10.56 15.08 23.35
N SER A 21 9.33 15.16 23.84
CA SER A 21 8.86 14.32 24.94
C SER A 21 9.26 12.87 24.69
N PHE A 22 9.50 12.57 23.42
CA PHE A 22 9.88 11.26 22.90
C PHE A 22 11.38 10.94 23.02
N GLY A 23 12.19 11.98 23.03
CA GLY A 23 13.63 11.80 23.12
C GLY A 23 14.25 12.78 22.13
N ASP A 24 15.48 12.50 21.70
CA ASP A 24 16.13 13.40 20.77
C ASP A 24 16.54 12.72 19.49
N ILE A 25 16.38 13.45 18.38
CA ILE A 25 16.72 12.92 17.08
C ILE A 25 18.07 13.46 16.62
N TYR A 26 18.96 12.55 16.28
CA TYR A 26 20.28 12.93 15.82
C TYR A 26 20.45 12.42 14.41
N LEU A 27 21.22 13.16 13.64
CA LEU A 27 21.52 12.76 12.28
C LEU A 27 22.68 11.82 12.59
N GLY A 28 22.95 10.86 11.73
CA GLY A 28 24.03 9.93 11.98
C GLY A 28 24.35 9.19 10.72
N ALA A 29 25.27 8.22 10.79
CA ALA A 29 25.61 7.49 9.58
C ALA A 29 26.07 6.05 9.84
N ASN A 30 26.23 5.31 8.75
CA ASN A 30 26.64 3.90 8.80
C ASN A 30 28.09 3.77 8.35
N ILE A 31 29.00 3.68 9.33
CA ILE A 31 30.43 3.55 9.08
C ILE A 31 30.70 2.60 7.91
N ALA A 32 29.98 1.49 7.87
CA ALA A 32 30.15 0.51 6.81
C ALA A 32 29.81 1.08 5.44
N SER A 33 28.51 1.16 5.16
CA SER A 33 27.97 1.64 3.89
C SER A 33 28.00 3.15 3.66
N GLY A 34 27.82 3.92 4.74
CA GLY A 34 27.80 5.35 4.60
C GLY A 34 26.43 5.81 4.11
N GLU A 35 25.39 5.56 4.91
CA GLU A 35 24.04 6.01 4.55
C GLU A 35 23.61 6.93 5.67
N GLU A 36 23.26 8.16 5.30
CA GLU A 36 22.77 9.12 6.28
C GLU A 36 21.56 8.45 6.94
N VAL A 37 21.45 8.60 8.25
CA VAL A 37 20.34 8.01 8.98
C VAL A 37 19.94 8.88 10.15
N ALA A 38 18.74 8.64 10.67
CA ALA A 38 18.23 9.38 11.82
C ALA A 38 18.31 8.48 13.05
N ILE A 39 18.68 9.03 14.19
CA ILE A 39 18.80 8.23 15.41
C ILE A 39 18.13 8.90 16.59
N LYS A 40 17.36 8.13 17.35
CA LYS A 40 16.67 8.69 18.50
C LYS A 40 17.21 8.13 19.81
N LEU A 41 17.62 9.01 20.72
CA LEU A 41 18.13 8.55 22.01
C LEU A 41 17.10 8.73 23.13
N GLU A 42 16.88 7.66 23.90
CA GLU A 42 15.89 7.67 24.97
C GLU A 42 16.48 7.16 26.30
N CYS A 43 16.27 7.93 27.36
CA CYS A 43 16.77 7.61 28.70
C CYS A 43 16.49 6.22 29.24
N VAL A 44 17.55 5.43 29.50
CA VAL A 44 17.35 4.08 30.04
C VAL A 44 16.65 4.33 31.38
N HIS A 52 10.64 1.34 22.95
CA HIS A 52 10.37 -0.09 22.75
C HIS A 52 8.88 -0.30 22.34
N ILE A 53 7.98 0.56 22.84
CA ILE A 53 6.55 0.45 22.45
C ILE A 53 6.45 0.94 20.96
N GLU A 54 7.37 1.84 20.58
CA GLU A 54 7.47 2.39 19.22
C GLU A 54 8.01 1.27 18.33
N SER A 55 8.94 0.48 18.88
CA SER A 55 9.53 -0.61 18.12
C SER A 55 8.43 -1.57 17.66
N LYS A 56 7.49 -1.96 18.54
CA LYS A 56 6.44 -2.89 18.11
C LYS A 56 5.62 -2.36 16.95
N PHE A 57 5.41 -1.05 16.94
CA PHE A 57 4.65 -0.43 15.87
C PHE A 57 5.43 -0.48 14.54
N TYR A 58 6.70 -0.12 14.58
CA TYR A 58 7.49 -0.13 13.35
C TYR A 58 7.72 -1.50 12.73
N LYS A 59 8.07 -2.49 13.55
CA LYS A 59 8.33 -3.81 13.00
C LYS A 59 7.05 -4.50 12.55
N MET A 60 5.92 -3.88 12.83
CA MET A 60 4.66 -4.48 12.42
C MET A 60 3.99 -3.63 11.33
N MET A 61 4.65 -2.53 10.95
CA MET A 61 4.14 -1.66 9.91
C MET A 61 5.13 -1.80 8.79
N GLN A 62 6.19 -2.54 9.06
CA GLN A 62 7.26 -2.77 8.10
C GLN A 62 6.80 -3.21 6.73
N GLY A 63 7.34 -2.56 5.71
CA GLY A 63 6.97 -2.89 4.35
C GLY A 63 5.91 -1.99 3.76
N GLY A 64 5.13 -1.35 4.62
CA GLY A 64 4.07 -0.48 4.14
C GLY A 64 4.57 0.76 3.42
N VAL A 65 3.76 1.22 2.48
CA VAL A 65 4.07 2.42 1.73
C VAL A 65 4.04 3.59 2.69
N GLY A 66 5.13 4.35 2.72
CA GLY A 66 5.19 5.51 3.59
C GLY A 66 5.52 5.20 5.04
N ILE A 67 5.95 3.97 5.29
CA ILE A 67 6.32 3.57 6.64
C ILE A 67 7.83 3.50 6.65
N PRO A 68 8.50 4.35 7.42
CA PRO A 68 9.96 4.34 7.48
C PRO A 68 10.56 3.03 7.99
N SER A 69 11.74 2.70 7.47
CA SER A 69 12.43 1.48 7.87
C SER A 69 13.26 1.66 9.13
N ILE A 70 13.12 0.77 10.09
CA ILE A 70 13.96 0.87 11.27
C ILE A 70 15.19 0.03 10.93
N LYS A 71 16.39 0.57 11.12
CA LYS A 71 17.59 -0.18 10.78
C LYS A 71 18.29 -0.82 11.97
N TRP A 72 17.91 -0.43 13.18
CA TRP A 72 18.55 -1.01 14.35
C TRP A 72 17.92 -0.56 15.65
N CYS A 73 17.63 -1.52 16.53
CA CYS A 73 17.02 -1.22 17.82
C CYS A 73 17.84 -1.77 18.99
N GLY A 74 17.78 -1.07 20.11
CA GLY A 74 18.52 -1.53 21.26
C GLY A 74 19.03 -0.47 22.20
N ALA A 75 19.75 -0.92 23.22
CA ALA A 75 20.33 -0.02 24.20
C ALA A 75 21.83 0.13 23.87
N GLU A 76 22.32 1.36 24.01
CA GLU A 76 23.72 1.67 23.76
C GLU A 76 24.05 2.31 25.10
N GLY A 77 24.49 1.48 26.06
CA GLY A 77 24.76 2.00 27.38
C GLY A 77 23.46 2.55 27.96
N ASP A 78 23.58 3.63 28.72
CA ASP A 78 22.46 4.30 29.40
C ASP A 78 21.28 4.75 28.53
N TYR A 79 21.39 4.63 27.21
CA TYR A 79 20.29 5.09 26.37
C TYR A 79 19.67 4.04 25.48
N ASN A 80 18.44 4.31 25.05
CA ASN A 80 17.72 3.44 24.13
C ASN A 80 17.84 4.06 22.75
N VAL A 81 18.32 3.27 21.80
CA VAL A 81 18.53 3.77 20.45
C VAL A 81 17.53 3.23 19.46
N MET A 82 17.37 3.97 18.36
CA MET A 82 16.47 3.60 17.30
C MET A 82 17.02 4.30 16.06
N VAL A 83 17.35 3.52 15.04
CA VAL A 83 17.90 4.09 13.83
C VAL A 83 16.98 3.80 12.66
N MET A 84 16.50 4.86 12.01
CA MET A 84 15.63 4.68 10.86
C MET A 84 16.22 5.45 9.69
N GLU A 85 15.75 5.10 8.49
CA GLU A 85 16.21 5.75 7.27
C GLU A 85 15.96 7.24 7.40
N LEU A 86 16.80 8.02 6.74
CA LEU A 86 16.66 9.46 6.76
C LEU A 86 15.52 9.83 5.83
N LEU A 87 14.72 10.81 6.24
CA LEU A 87 13.60 11.27 5.44
C LEU A 87 13.78 12.75 5.14
N GLY A 88 12.79 13.35 4.48
CA GLY A 88 12.88 14.76 4.14
C GLY A 88 12.20 15.71 5.11
N PRO A 89 11.71 16.85 4.62
CA PRO A 89 11.04 17.83 5.46
C PRO A 89 9.69 17.34 5.93
N SER A 90 9.15 17.97 6.96
CA SER A 90 7.82 17.59 7.44
C SER A 90 6.84 18.52 6.72
N LEU A 91 5.57 18.14 6.71
CA LEU A 91 4.57 18.94 6.05
C LEU A 91 4.43 20.30 6.72
N GLU A 92 4.76 20.36 8.00
CA GLU A 92 4.69 21.63 8.69
C GLU A 92 5.83 22.54 8.22
N ASP A 93 6.97 21.95 7.85
CA ASP A 93 8.08 22.75 7.36
C ASP A 93 7.70 23.31 6.00
N LEU A 94 7.18 22.44 5.15
CA LEU A 94 6.76 22.79 3.80
C LEU A 94 5.63 23.80 3.81
N PHE A 95 4.80 23.71 4.85
CA PHE A 95 3.69 24.63 5.01
C PHE A 95 4.29 26.03 5.20
N ASN A 96 5.37 26.12 5.97
CA ASN A 96 6.03 27.40 6.18
C ASN A 96 6.75 27.86 4.92
N PHE A 97 7.33 26.91 4.21
CA PHE A 97 8.05 27.20 2.98
C PHE A 97 7.09 27.86 1.98
N CYS A 98 5.80 27.53 2.12
CA CYS A 98 4.78 28.05 1.23
C CYS A 98 3.89 29.10 1.88
N SER A 99 4.49 29.92 2.74
CA SER A 99 3.77 30.99 3.40
C SER A 99 2.51 30.50 4.12
N ARG A 100 2.56 29.27 4.63
CA ARG A 100 1.44 28.68 5.36
C ARG A 100 0.11 28.88 4.63
N LYS A 101 0.14 28.54 3.34
CA LYS A 101 -1.00 28.66 2.45
C LYS A 101 -0.79 27.54 1.42
N PHE A 102 -1.64 26.53 1.43
CA PHE A 102 -1.52 25.43 0.48
C PHE A 102 -2.66 25.50 -0.52
N SER A 103 -2.37 25.26 -1.79
CA SER A 103 -3.41 25.29 -2.81
C SER A 103 -4.38 24.18 -2.51
N LEU A 104 -5.60 24.27 -3.05
CA LEU A 104 -6.56 23.23 -2.82
C LEU A 104 -6.04 21.91 -3.39
N LYS A 105 -5.37 21.97 -4.54
CA LYS A 105 -4.84 20.77 -5.18
C LYS A 105 -3.82 20.03 -4.31
N THR A 106 -2.91 20.77 -3.70
CA THR A 106 -1.92 20.13 -2.88
C THR A 106 -2.60 19.54 -1.65
N VAL A 107 -3.60 20.24 -1.15
CA VAL A 107 -4.34 19.74 0.00
C VAL A 107 -5.03 18.43 -0.38
N LEU A 108 -5.63 18.39 -1.57
CA LEU A 108 -6.30 17.18 -2.00
C LEU A 108 -5.30 16.08 -2.30
N LEU A 109 -4.14 16.44 -2.85
CA LEU A 109 -3.11 15.45 -3.15
C LEU A 109 -2.65 14.79 -1.86
N LEU A 110 -2.34 15.62 -0.87
CA LEU A 110 -1.92 15.14 0.44
C LEU A 110 -3.01 14.37 1.15
N ALA A 111 -4.24 14.82 1.02
CA ALA A 111 -5.35 14.16 1.68
C ALA A 111 -5.50 12.70 1.28
N ASP A 112 -5.24 12.39 0.02
CA ASP A 112 -5.35 11.02 -0.44
C ASP A 112 -4.31 10.11 0.17
N GLN A 113 -3.06 10.60 0.21
CA GLN A 113 -1.95 9.86 0.77
C GLN A 113 -2.08 9.67 2.27
N MET A 114 -2.41 10.75 2.98
CA MET A 114 -2.54 10.72 4.43
C MET A 114 -3.66 9.79 4.90
N ILE A 115 -4.76 9.75 4.16
CA ILE A 115 -5.85 8.86 4.52
C ILE A 115 -5.36 7.43 4.37
N SER A 116 -4.59 7.17 3.32
CA SER A 116 -4.06 5.83 3.06
C SER A 116 -3.06 5.33 4.11
N ARG A 117 -2.18 6.21 4.60
CA ARG A 117 -1.23 5.81 5.63
C ARG A 117 -2.02 5.38 6.84
N ILE A 118 -2.92 6.25 7.28
CA ILE A 118 -3.73 5.97 8.44
C ILE A 118 -4.47 4.65 8.30
N GLU A 119 -5.04 4.40 7.12
CA GLU A 119 -5.74 3.13 6.93
C GLU A 119 -4.76 1.96 7.02
N TYR A 120 -3.52 2.18 6.60
CA TYR A 120 -2.54 1.12 6.64
C TYR A 120 -2.24 0.76 8.09
N ILE A 121 -2.05 1.78 8.91
CA ILE A 121 -1.77 1.59 10.32
C ILE A 121 -2.94 0.86 10.94
N HIS A 122 -4.15 1.27 10.57
CA HIS A 122 -5.35 0.66 11.10
C HIS A 122 -5.49 -0.80 10.68
N SER A 123 -5.19 -1.12 9.43
CA SER A 123 -5.32 -2.51 8.99
C SER A 123 -4.34 -3.38 9.76
N LYS A 124 -3.45 -2.75 10.51
CA LYS A 124 -2.49 -3.53 11.26
C LYS A 124 -2.55 -3.31 12.76
N ASN A 125 -3.81 -3.23 13.21
CA ASN A 125 -4.19 -3.12 14.61
C ASN A 125 -3.61 -1.97 15.43
N PHE A 126 -3.25 -0.87 14.77
CA PHE A 126 -2.70 0.29 15.46
C PHE A 126 -3.43 1.60 15.13
N ILE A 127 -3.40 2.54 16.07
CA ILE A 127 -3.96 3.89 15.87
C ILE A 127 -2.77 4.80 16.18
N HIS A 128 -2.58 5.83 15.36
CA HIS A 128 -1.45 6.75 15.51
C HIS A 128 -1.50 7.61 16.77
N ARG A 129 -2.64 8.24 16.99
CA ARG A 129 -2.90 9.08 18.16
C ARG A 129 -2.24 10.44 18.24
N ASP A 130 -1.49 10.84 17.22
CA ASP A 130 -0.87 12.15 17.22
C ASP A 130 -0.69 12.59 15.79
N VAL A 131 -1.79 12.56 15.03
CA VAL A 131 -1.79 12.96 13.64
C VAL A 131 -1.67 14.47 13.56
N LYS A 132 -0.59 14.95 12.98
CA LYS A 132 -0.38 16.38 12.81
C LYS A 132 0.66 16.60 11.73
N PRO A 133 0.73 17.82 11.19
CA PRO A 133 1.67 18.18 10.13
C PRO A 133 3.09 17.71 10.42
N ASP A 134 3.54 17.95 11.64
CA ASP A 134 4.89 17.62 12.09
C ASP A 134 5.29 16.13 12.07
N ASN A 135 4.31 15.23 12.10
CA ASN A 135 4.62 13.80 12.09
C ASN A 135 4.50 13.17 10.70
N PHE A 136 4.46 14.03 9.69
CA PHE A 136 4.38 13.60 8.29
C PHE A 136 5.59 14.17 7.56
N LEU A 137 6.47 13.29 7.10
CA LEU A 137 7.67 13.71 6.40
C LEU A 137 7.72 13.21 4.96
N MET A 138 8.20 14.07 4.07
CA MET A 138 8.33 13.72 2.67
C MET A 138 9.49 12.79 2.44
N GLY A 139 9.39 11.98 1.39
CA GLY A 139 10.46 11.04 1.08
C GLY A 139 11.68 11.74 0.53
N LEU A 140 12.73 10.97 0.31
CA LEU A 140 13.93 11.55 -0.23
C LEU A 140 14.29 10.94 -1.55
N GLY A 141 14.96 11.73 -2.38
CA GLY A 141 15.36 11.25 -3.68
C GLY A 141 14.16 11.11 -4.59
N LYS A 142 13.92 9.88 -5.05
CA LYS A 142 12.81 9.63 -5.95
C LYS A 142 11.54 9.27 -5.16
N LYS A 143 11.70 9.18 -3.83
CA LYS A 143 10.58 8.89 -2.95
C LYS A 143 10.16 10.28 -2.46
N GLY A 144 10.60 11.30 -3.19
CA GLY A 144 10.32 12.69 -2.86
C GLY A 144 8.88 13.14 -2.73
N ASN A 145 7.95 12.49 -3.45
CA ASN A 145 6.54 12.86 -3.40
C ASN A 145 5.72 11.94 -2.51
N LEU A 146 6.41 11.03 -1.82
CA LEU A 146 5.77 10.08 -0.95
C LEU A 146 5.69 10.66 0.46
N VAL A 147 4.50 10.65 1.05
CA VAL A 147 4.34 11.16 2.40
C VAL A 147 4.60 10.01 3.35
N TYR A 148 5.42 10.24 4.37
CA TYR A 148 5.73 9.22 5.35
C TYR A 148 5.07 9.58 6.67
N ILE A 149 4.72 8.57 7.46
CA ILE A 149 4.14 8.83 8.76
C ILE A 149 5.12 8.36 9.82
N ILE A 150 5.33 9.17 10.84
CA ILE A 150 6.26 8.77 11.88
C ILE A 150 5.60 8.68 13.23
N ASP A 151 5.94 7.63 13.96
CA ASP A 151 5.44 7.41 15.30
C ASP A 151 6.63 7.57 16.23
N PHE A 152 6.44 8.33 17.29
CA PHE A 152 7.49 8.56 18.25
C PHE A 152 7.22 7.75 19.50
N GLY A 153 5.97 7.34 19.68
CA GLY A 153 5.64 6.55 20.84
C GLY A 153 4.18 6.55 21.23
N LEU A 154 3.36 7.34 20.55
CA LEU A 154 1.94 7.36 20.89
C LEU A 154 1.16 6.24 20.21
N ALA A 155 1.69 5.67 19.13
CA ALA A 155 0.96 4.60 18.45
C ALA A 155 0.65 3.49 19.44
N LYS A 156 -0.52 2.86 19.30
CA LYS A 156 -0.91 1.77 20.19
C LYS A 156 -1.98 0.85 19.60
N LYS A 157 -1.95 -0.41 19.98
CA LYS A 157 -2.93 -1.37 19.48
C LYS A 157 -4.32 -0.95 19.92
N TYR A 158 -5.31 -1.19 19.06
CA TYR A 158 -6.70 -0.84 19.38
C TYR A 158 -7.55 -2.09 19.21
N ARG A 159 -6.87 -3.20 18.91
CA ARG A 159 -7.50 -4.50 18.76
C ARG A 159 -6.41 -5.57 18.87
N ASP A 160 -6.84 -6.78 19.22
CA ASP A 160 -5.96 -7.94 19.39
C ASP A 160 -5.53 -8.48 18.01
N ALA A 161 -4.21 -8.59 17.80
CA ALA A 161 -3.71 -9.06 16.51
C ALA A 161 -4.30 -10.41 16.12
N ARG A 162 -4.52 -11.25 17.14
CA ARG A 162 -5.07 -12.58 16.94
C ARG A 162 -6.59 -12.57 16.72
N THR A 163 -7.33 -12.39 17.81
CA THR A 163 -8.79 -12.38 17.77
C THR A 163 -9.44 -11.20 17.04
N HIS A 164 -8.81 -10.03 17.11
CA HIS A 164 -9.32 -8.79 16.51
C HIS A 164 -10.39 -8.14 17.38
N GLN A 165 -10.33 -8.40 18.68
CA GLN A 165 -11.27 -7.81 19.62
C GLN A 165 -10.80 -6.38 19.84
N HIS A 166 -11.69 -5.42 19.61
CA HIS A 166 -11.39 -4.01 19.77
C HIS A 166 -11.19 -3.67 21.26
N ILE A 167 -10.17 -2.86 21.57
CA ILE A 167 -9.92 -2.49 22.96
C ILE A 167 -11.18 -1.85 23.56
N PRO A 168 -11.37 -2.01 24.88
CA PRO A 168 -12.52 -1.48 25.63
C PRO A 168 -12.66 0.04 25.59
N TYR A 169 -13.88 0.49 25.81
CA TYR A 169 -14.20 1.92 25.85
C TYR A 169 -13.74 2.38 27.23
N ARG A 170 -13.29 3.63 27.32
CA ARG A 170 -12.78 4.15 28.57
C ARG A 170 -12.90 5.69 28.63
N GLU A 171 -13.25 6.22 29.80
CA GLU A 171 -13.35 7.67 29.95
C GLU A 171 -12.30 8.08 30.96
N ASN A 172 -12.32 9.35 31.32
CA ASN A 172 -11.38 9.90 32.29
C ASN A 172 -9.92 9.76 31.89
N LYS A 173 -9.62 9.81 30.60
CA LYS A 173 -8.24 9.70 30.21
C LYS A 173 -7.66 11.08 29.91
N ASN A 174 -6.40 11.27 30.29
CA ASN A 174 -5.76 12.56 30.08
C ASN A 174 -5.33 12.76 28.64
N LEU A 175 -5.33 14.01 28.22
CA LEU A 175 -4.99 14.39 26.85
C LEU A 175 -3.72 13.72 26.34
N THR A 176 -3.88 12.89 25.32
CA THR A 176 -2.76 12.21 24.72
C THR A 176 -2.69 12.76 23.29
N GLY A 177 -1.51 13.15 22.84
CA GLY A 177 -1.35 13.74 21.52
C GLY A 177 -1.55 15.25 21.60
N THR A 178 -1.26 15.96 20.52
CA THR A 178 -1.39 17.41 20.51
C THR A 178 -2.81 17.95 20.63
N ALA A 179 -2.97 18.95 21.49
CA ALA A 179 -4.28 19.56 21.71
C ALA A 179 -4.91 20.20 20.47
N ARG A 180 -4.13 21.00 19.75
CA ARG A 180 -4.65 21.67 18.54
C ARG A 180 -5.35 20.79 17.50
N TYR A 181 -4.92 19.54 17.36
CA TYR A 181 -5.54 18.69 16.37
C TYR A 181 -6.35 17.56 16.96
N ALA A 182 -6.44 17.49 18.28
CA ALA A 182 -7.17 16.43 18.95
C ALA A 182 -8.64 16.34 18.58
N SER A 183 -9.16 15.12 18.52
CA SER A 183 -10.58 14.92 18.23
C SER A 183 -11.35 15.43 19.45
N ILE A 184 -12.62 15.76 19.26
CA ILE A 184 -13.43 16.28 20.35
C ILE A 184 -13.59 15.29 21.51
N ASN A 185 -13.73 14.00 21.21
CA ASN A 185 -13.87 13.00 22.27
C ASN A 185 -12.59 12.79 23.05
N THR A 186 -11.45 13.06 22.41
CA THR A 186 -10.18 12.91 23.08
C THR A 186 -10.15 13.95 24.19
N HIS A 187 -10.55 15.18 23.86
CA HIS A 187 -10.62 16.26 24.82
C HIS A 187 -11.52 15.86 25.99
N LEU A 188 -12.52 15.01 25.72
CA LEU A 188 -13.46 14.55 26.73
C LEU A 188 -12.91 13.44 27.63
N GLY A 189 -11.72 12.94 27.29
CA GLY A 189 -11.12 11.89 28.09
C GLY A 189 -11.50 10.49 27.65
N ILE A 190 -12.06 10.40 26.45
CA ILE A 190 -12.48 9.13 25.91
C ILE A 190 -11.35 8.40 25.21
N GLU A 191 -11.25 7.11 25.48
CA GLU A 191 -10.25 6.26 24.87
C GLU A 191 -10.27 6.55 23.37
N GLN A 192 -9.11 6.66 22.75
CA GLN A 192 -9.09 6.92 21.31
C GLN A 192 -9.24 5.65 20.47
N SER A 193 -9.67 5.83 19.22
CA SER A 193 -9.83 4.73 18.29
C SER A 193 -9.60 5.23 16.87
N ARG A 194 -9.86 4.39 15.89
CA ARG A 194 -9.63 4.76 14.51
C ARG A 194 -10.31 6.06 14.11
N ARG A 195 -11.56 6.24 14.51
CA ARG A 195 -12.31 7.45 14.16
C ARG A 195 -11.54 8.71 14.50
N ASP A 196 -10.83 8.67 15.63
CA ASP A 196 -10.05 9.80 16.13
C ASP A 196 -8.85 10.19 15.27
N ASP A 197 -8.11 9.19 14.78
CA ASP A 197 -6.97 9.46 13.92
C ASP A 197 -7.51 10.22 12.71
N LEU A 198 -8.68 9.81 12.22
CA LEU A 198 -9.29 10.44 11.06
C LEU A 198 -9.76 11.86 11.30
N GLU A 199 -10.42 12.09 12.43
CA GLU A 199 -10.89 13.43 12.75
C GLU A 199 -9.72 14.42 12.81
N SER A 200 -8.65 14.01 13.49
CA SER A 200 -7.45 14.84 13.61
C SER A 200 -6.98 15.26 12.23
N LEU A 201 -7.00 14.28 11.32
CA LEU A 201 -6.59 14.51 9.96
C LEU A 201 -7.55 15.53 9.35
N GLY A 202 -8.77 15.57 9.86
CA GLY A 202 -9.74 16.51 9.36
C GLY A 202 -9.30 17.93 9.68
N TYR A 203 -8.84 18.15 10.91
CA TYR A 203 -8.38 19.47 11.33
C TYR A 203 -7.09 19.90 10.64
N VAL A 204 -6.19 18.95 10.40
CA VAL A 204 -4.95 19.28 9.72
C VAL A 204 -5.27 19.78 8.32
N LEU A 205 -6.22 19.13 7.65
CA LEU A 205 -6.62 19.53 6.30
C LEU A 205 -7.20 20.93 6.27
N MET A 206 -7.99 21.28 7.30
CA MET A 206 -8.58 22.61 7.40
C MET A 206 -7.49 23.61 7.77
N TYR A 207 -6.53 23.15 8.55
CA TYR A 207 -5.38 23.96 8.97
C TYR A 207 -4.53 24.37 7.76
N PHE A 208 -4.49 23.51 6.74
CA PHE A 208 -3.72 23.80 5.53
C PHE A 208 -4.47 24.77 4.63
N ASN A 209 -5.80 24.77 4.74
CA ASN A 209 -6.60 25.65 3.92
C ASN A 209 -6.70 27.05 4.51
N LEU A 210 -6.79 27.12 5.83
CA LEU A 210 -6.92 28.40 6.52
C LEU A 210 -5.59 29.02 6.89
N GLY A 211 -4.64 28.19 7.31
CA GLY A 211 -3.34 28.72 7.70
C GLY A 211 -3.19 28.65 9.20
N SER A 212 -4.30 28.35 9.86
CA SER A 212 -4.33 28.23 11.32
C SER A 212 -5.77 27.96 11.73
N LEU A 213 -5.93 27.16 12.78
CA LEU A 213 -7.25 26.83 13.27
C LEU A 213 -7.75 27.95 14.21
N PRO A 214 -9.09 28.10 14.32
CA PRO A 214 -9.64 29.14 15.18
C PRO A 214 -9.37 28.95 16.67
N TRP A 215 -8.92 27.77 17.09
CA TRP A 215 -8.63 27.54 18.49
C TRP A 215 -7.14 27.60 18.74
N GLN A 216 -6.44 28.14 17.74
CA GLN A 216 -4.98 28.27 17.80
C GLN A 216 -4.57 29.60 18.41
N GLY A 217 -3.44 29.61 19.13
CA GLY A 217 -2.98 30.84 19.75
C GLY A 217 -4.00 31.48 20.69
N LEU A 218 -4.62 30.66 21.52
CA LEU A 218 -5.60 31.18 22.46
C LEU A 218 -4.91 31.77 23.68
N LYS A 219 -5.33 32.98 24.05
CA LYS A 219 -4.79 33.69 25.23
C LYS A 219 -5.03 32.76 26.43
N ALA A 220 -4.00 32.08 26.90
CA ALA A 220 -4.17 31.17 28.04
C ALA A 220 -3.11 31.38 29.12
N ALA A 221 -3.54 31.83 30.29
CA ALA A 221 -2.59 32.08 31.37
C ALA A 221 -1.67 30.86 31.57
N THR A 222 -2.27 29.72 31.87
CA THR A 222 -1.49 28.50 32.12
C THR A 222 -1.87 27.24 31.31
N LYS A 223 -0.87 26.37 31.15
CA LYS A 223 -1.03 25.11 30.43
C LYS A 223 -2.48 24.60 30.49
N ARG A 224 -2.91 24.19 31.68
CA ARG A 224 -4.27 23.69 31.85
C ARG A 224 -5.33 24.63 31.26
N GLN A 225 -5.31 25.90 31.64
CA GLN A 225 -6.30 26.81 31.08
C GLN A 225 -6.19 26.79 29.57
N LYS A 226 -4.98 26.53 29.07
CA LYS A 226 -4.70 26.47 27.64
C LYS A 226 -5.50 25.31 27.02
N TYR A 227 -5.28 24.09 27.50
CA TYR A 227 -6.03 22.97 26.92
C TYR A 227 -7.51 23.18 27.19
N GLU A 228 -7.81 23.98 28.20
CA GLU A 228 -9.21 24.22 28.54
C GLU A 228 -9.85 25.13 27.51
N ARG A 229 -9.23 26.27 27.25
CA ARG A 229 -9.74 27.23 26.27
C ARG A 229 -9.88 26.59 24.89
N ILE A 230 -8.84 25.88 24.45
CA ILE A 230 -8.86 25.22 23.15
C ILE A 230 -10.05 24.26 23.07
N SER A 231 -10.18 23.40 24.06
CA SER A 231 -11.28 22.47 24.10
C SER A 231 -12.63 23.19 23.98
N GLU A 232 -12.77 24.31 24.70
CA GLU A 232 -14.00 25.10 24.68
C GLU A 232 -14.27 25.71 23.29
N LYS A 233 -13.24 26.29 22.69
CA LYS A 233 -13.33 26.94 21.39
C LYS A 233 -13.59 25.92 20.29
N LYS A 234 -13.05 24.73 20.49
CA LYS A 234 -13.20 23.66 19.51
C LYS A 234 -14.65 23.14 19.53
N MET A 235 -15.24 23.09 20.71
CA MET A 235 -16.60 22.59 20.85
C MET A 235 -17.68 23.62 20.54
N SER A 236 -17.27 24.88 20.38
CA SER A 236 -18.22 25.93 20.08
C SER A 236 -18.10 26.32 18.62
N THR A 237 -17.09 25.79 17.95
CA THR A 237 -16.93 26.08 16.54
C THR A 237 -17.63 25.01 15.73
N PRO A 238 -18.77 25.35 15.13
CA PRO A 238 -19.46 24.33 14.34
C PRO A 238 -18.71 24.10 13.02
N ILE A 239 -18.72 22.85 12.58
CA ILE A 239 -18.03 22.46 11.36
C ILE A 239 -18.31 23.42 10.22
N GLU A 240 -19.58 23.70 9.95
CA GLU A 240 -19.96 24.61 8.87
C GLU A 240 -19.35 26.00 9.04
N VAL A 241 -18.97 26.37 10.26
CA VAL A 241 -18.33 27.67 10.48
C VAL A 241 -16.86 27.54 10.18
N LEU A 242 -16.27 26.46 10.69
CA LEU A 242 -14.85 26.16 10.51
C LEU A 242 -14.47 26.05 9.05
N CYS A 243 -15.35 25.41 8.27
CA CYS A 243 -15.08 25.20 6.85
C CYS A 243 -15.77 26.18 5.91
N LYS A 244 -16.33 27.25 6.46
CA LYS A 244 -16.99 28.22 5.61
C LYS A 244 -16.07 28.82 4.54
N GLY A 245 -16.52 28.81 3.29
CA GLY A 245 -15.71 29.35 2.21
C GLY A 245 -14.87 28.32 1.47
N TYR A 246 -14.93 27.07 1.92
CA TYR A 246 -14.18 25.98 1.30
C TYR A 246 -15.10 24.90 0.79
N PRO A 247 -14.61 24.05 -0.11
CA PRO A 247 -15.45 22.98 -0.65
C PRO A 247 -16.15 22.15 0.45
N SER A 248 -17.41 21.80 0.19
CA SER A 248 -18.24 21.06 1.12
C SER A 248 -17.63 19.74 1.57
N GLU A 249 -16.73 19.21 0.75
CA GLU A 249 -16.12 17.95 1.06
C GLU A 249 -15.47 17.99 2.44
N PHE A 250 -14.83 19.11 2.79
CA PHE A 250 -14.19 19.21 4.10
C PHE A 250 -15.20 19.12 5.23
N SER A 251 -16.40 19.63 4.99
CA SER A 251 -17.48 19.56 5.97
C SER A 251 -18.03 18.14 6.04
N THR A 252 -18.17 17.52 4.88
CA THR A 252 -18.66 16.16 4.80
C THR A 252 -17.67 15.23 5.46
N TYR A 253 -16.38 15.56 5.34
CA TYR A 253 -15.35 14.74 5.94
C TYR A 253 -15.41 14.82 7.45
N LEU A 254 -15.31 16.02 7.99
CA LEU A 254 -15.36 16.20 9.44
C LEU A 254 -16.65 15.66 10.04
N ASN A 255 -17.77 15.92 9.40
CA ASN A 255 -19.04 15.42 9.91
C ASN A 255 -19.10 13.91 9.96
N PHE A 256 -18.52 13.26 8.95
CA PHE A 256 -18.51 11.81 8.87
C PHE A 256 -17.72 11.19 10.01
N CYS A 257 -16.51 11.71 10.24
CA CYS A 257 -15.63 11.20 11.28
C CYS A 257 -16.25 11.35 12.65
N ARG A 258 -16.82 12.52 12.90
CA ARG A 258 -17.43 12.81 14.19
C ARG A 258 -18.67 11.96 14.42
N SER A 259 -19.12 11.27 13.38
CA SER A 259 -20.31 10.41 13.47
C SER A 259 -20.00 8.99 13.86
N LEU A 260 -18.76 8.57 13.58
CA LEU A 260 -18.31 7.23 13.85
C LEU A 260 -18.44 6.77 15.29
N ARG A 261 -18.85 5.52 15.46
CA ARG A 261 -18.98 4.95 16.79
C ARG A 261 -17.56 4.65 17.25
N PHE A 262 -17.42 4.36 18.53
CA PHE A 262 -16.13 4.09 19.10
C PHE A 262 -15.35 2.97 18.40
N ASP A 263 -16.02 1.84 18.21
CA ASP A 263 -15.37 0.69 17.60
C ASP A 263 -15.66 0.54 16.12
N ASP A 264 -16.25 1.57 15.53
CA ASP A 264 -16.58 1.56 14.11
C ASP A 264 -15.40 1.50 13.17
N LYS A 265 -15.56 0.75 12.08
CA LYS A 265 -14.51 0.66 11.08
C LYS A 265 -14.82 1.72 10.03
N PRO A 266 -13.91 2.69 9.87
CA PRO A 266 -14.05 3.79 8.91
C PRO A 266 -14.15 3.32 7.47
N ASP A 267 -14.80 4.11 6.62
CA ASP A 267 -14.92 3.79 5.20
C ASP A 267 -13.89 4.68 4.52
N TYR A 268 -12.65 4.23 4.51
CA TYR A 268 -11.55 4.99 3.94
C TYR A 268 -11.72 5.39 2.48
N SER A 269 -12.21 4.46 1.66
CA SER A 269 -12.42 4.72 0.24
C SER A 269 -13.44 5.80 0.00
N TYR A 270 -14.47 5.83 0.85
CA TYR A 270 -15.51 6.83 0.76
C TYR A 270 -14.89 8.20 0.98
N LEU A 271 -14.01 8.27 1.99
CA LEU A 271 -13.32 9.51 2.36
C LEU A 271 -12.34 9.96 1.29
N ARG A 272 -11.56 9.02 0.76
CA ARG A 272 -10.62 9.34 -0.29
C ARG A 272 -11.38 9.82 -1.53
N GLN A 273 -12.45 9.12 -1.85
CA GLN A 273 -13.25 9.43 -3.02
C GLN A 273 -13.96 10.76 -2.85
N LEU A 274 -14.21 11.12 -1.61
CA LEU A 274 -14.85 12.38 -1.35
C LEU A 274 -13.96 13.45 -1.96
N PHE A 275 -12.66 13.31 -1.77
CA PHE A 275 -11.74 14.29 -2.28
C PHE A 275 -11.36 14.07 -3.76
N ARG A 276 -11.44 12.84 -4.30
CA ARG A 276 -11.11 12.73 -5.71
C ARG A 276 -12.27 13.17 -6.58
N ASN A 277 -13.50 13.17 -6.05
CA ASN A 277 -14.65 13.65 -6.82
C ASN A 277 -14.50 15.16 -6.95
N LEU A 278 -13.98 15.77 -5.88
CA LEU A 278 -13.75 17.20 -5.82
C LEU A 278 -12.56 17.55 -6.71
N PHE A 279 -11.56 16.68 -6.75
CA PHE A 279 -10.40 16.95 -7.58
C PHE A 279 -10.91 17.05 -9.01
N HIS A 280 -11.64 16.03 -9.43
CA HIS A 280 -12.21 15.96 -10.76
C HIS A 280 -13.05 17.19 -11.13
N ARG A 281 -13.95 17.60 -10.23
CA ARG A 281 -14.81 18.76 -10.50
C ARG A 281 -14.16 20.12 -10.61
N GLN A 282 -12.97 20.28 -10.03
CA GLN A 282 -12.23 21.55 -10.07
C GLN A 282 -11.55 21.67 -11.43
N GLY A 283 -11.33 20.54 -12.08
CA GLY A 283 -10.70 20.55 -13.39
C GLY A 283 -9.19 20.58 -13.27
N PHE A 284 -8.67 20.18 -12.11
CA PHE A 284 -7.24 20.17 -11.93
C PHE A 284 -6.53 19.22 -12.88
N SER A 285 -5.28 19.56 -13.18
CA SER A 285 -4.45 18.73 -14.04
C SER A 285 -3.95 17.59 -13.17
N TYR A 286 -3.89 16.38 -13.72
CA TYR A 286 -3.41 15.27 -12.92
C TYR A 286 -1.89 15.22 -12.83
N ASP A 287 -1.22 16.36 -13.06
CA ASP A 287 0.25 16.40 -12.93
C ASP A 287 0.55 16.33 -11.44
N TYR A 288 1.25 15.30 -10.98
CA TYR A 288 1.54 15.21 -9.55
C TYR A 288 2.65 16.14 -9.07
N VAL A 289 2.31 17.42 -8.86
CA VAL A 289 3.28 18.38 -8.37
C VAL A 289 2.71 19.17 -7.19
N PHE A 290 3.37 19.10 -6.04
CA PHE A 290 2.93 19.83 -4.86
C PHE A 290 3.34 21.28 -4.98
N ASP A 291 2.70 22.15 -4.21
CA ASP A 291 2.99 23.58 -4.23
C ASP A 291 4.48 23.94 -4.13
N TRP A 292 5.20 23.27 -3.24
CA TRP A 292 6.61 23.55 -3.01
C TRP A 292 7.61 23.15 -4.08
N ASN A 293 7.16 22.45 -5.11
CA ASN A 293 8.07 22.10 -6.20
C ASN A 293 7.66 22.95 -7.40
N MET A 294 6.92 24.03 -7.13
CA MET A 294 6.45 24.94 -8.16
C MET A 294 6.98 26.34 -7.94
N LEU A 295 6.92 27.14 -8.99
CA LEU A 295 7.34 28.53 -8.92
C LEU A 295 6.05 29.37 -8.85
N MET B 3 -1.51 -41.12 9.19
CA MET B 3 -0.80 -40.31 10.24
C MET B 3 -0.33 -39.04 9.54
N GLU B 4 0.40 -38.19 10.25
CA GLU B 4 0.82 -36.94 9.61
C GLU B 4 2.26 -36.76 9.19
N LEU B 5 2.40 -35.99 8.11
CA LEU B 5 3.65 -35.59 7.53
C LEU B 5 3.80 -34.16 8.06
N ARG B 6 4.97 -33.85 8.59
CA ARG B 6 5.20 -32.55 9.16
C ARG B 6 6.38 -31.84 8.54
N VAL B 7 6.26 -30.53 8.32
CA VAL B 7 7.38 -29.76 7.80
C VAL B 7 7.90 -28.94 8.97
N GLY B 8 9.22 -28.79 9.06
CA GLY B 8 9.82 -28.13 10.20
C GLY B 8 9.29 -29.12 11.21
N ASN B 9 8.82 -28.67 12.37
CA ASN B 9 8.20 -29.61 13.29
C ASN B 9 7.03 -28.87 13.87
N LYS B 10 6.44 -27.97 13.07
CA LYS B 10 5.28 -27.19 13.51
C LYS B 10 4.13 -27.13 12.49
N TYR B 11 4.38 -27.53 11.25
CA TYR B 11 3.31 -27.51 10.28
C TYR B 11 2.96 -28.92 9.82
N ARG B 12 1.68 -29.24 9.92
CA ARG B 12 1.17 -30.54 9.51
C ARG B 12 0.73 -30.40 8.07
N LEU B 13 1.21 -31.27 7.19
CA LEU B 13 0.84 -31.20 5.79
C LEU B 13 -0.59 -31.71 5.64
N GLY B 14 -1.35 -31.11 4.73
CA GLY B 14 -2.72 -31.53 4.52
C GLY B 14 -2.92 -32.04 3.11
N ARG B 15 -4.11 -31.82 2.55
CA ARG B 15 -4.38 -32.27 1.19
C ARG B 15 -3.83 -31.38 0.09
N LYS B 16 -3.43 -32.02 -1.01
CA LYS B 16 -2.88 -31.35 -2.17
C LYS B 16 -3.96 -30.37 -2.71
N ILE B 17 -3.62 -29.11 -2.96
CA ILE B 17 -4.60 -28.18 -3.54
C ILE B 17 -4.23 -28.00 -5.01
N GLY B 18 -2.93 -28.04 -5.31
CA GLY B 18 -2.49 -27.86 -6.68
C GLY B 18 -1.08 -28.33 -6.91
N SER B 19 -0.67 -28.39 -8.17
CA SER B 19 0.66 -28.81 -8.56
C SER B 19 1.10 -27.91 -9.70
N GLY B 20 2.40 -27.70 -9.82
CA GLY B 20 2.89 -26.87 -10.89
C GLY B 20 4.39 -26.93 -11.05
N SER B 21 4.86 -26.21 -12.06
CA SER B 21 6.27 -26.16 -12.37
C SER B 21 7.15 -25.73 -11.18
N PHE B 22 6.55 -25.17 -10.13
CA PHE B 22 7.34 -24.73 -8.98
C PHE B 22 7.14 -25.56 -7.71
N GLY B 23 6.40 -26.65 -7.84
CA GLY B 23 6.15 -27.52 -6.70
C GLY B 23 4.67 -27.76 -6.50
N ASP B 24 4.33 -28.53 -5.48
CA ASP B 24 2.93 -28.76 -5.23
C ASP B 24 2.50 -27.96 -4.03
N ILE B 25 1.27 -27.47 -4.08
CA ILE B 25 0.74 -26.69 -2.98
C ILE B 25 -0.12 -27.64 -2.17
N TYR B 26 0.00 -27.55 -0.86
CA TYR B 26 -0.79 -28.39 0.03
C TYR B 26 -1.49 -27.51 1.04
N LEU B 27 -2.53 -28.07 1.63
CA LEU B 27 -3.25 -27.37 2.68
C LEU B 27 -2.50 -27.81 3.93
N GLY B 28 -2.21 -26.88 4.83
CA GLY B 28 -1.50 -27.25 6.03
C GLY B 28 -2.11 -26.60 7.23
N ALA B 29 -1.56 -26.89 8.40
CA ALA B 29 -2.10 -26.29 9.60
C ALA B 29 -1.03 -26.22 10.66
N ASN B 30 -0.89 -25.05 11.28
CA ASN B 30 0.09 -24.88 12.33
C ASN B 30 -0.38 -25.80 13.48
N ILE B 31 0.48 -26.75 13.87
CA ILE B 31 0.19 -27.72 14.94
C ILE B 31 -0.18 -27.15 16.31
N ALA B 32 0.60 -26.19 16.79
CA ALA B 32 0.35 -25.56 18.08
C ALA B 32 -0.82 -24.60 17.93
N SER B 33 -0.54 -23.51 17.22
CA SER B 33 -1.45 -22.42 16.94
C SER B 33 -2.76 -22.71 16.18
N GLY B 34 -2.91 -23.90 15.58
CA GLY B 34 -4.16 -24.22 14.87
C GLY B 34 -4.32 -23.65 13.48
N GLU B 35 -3.57 -22.59 13.22
CA GLU B 35 -3.61 -21.88 11.97
C GLU B 35 -3.59 -22.75 10.68
N GLU B 36 -4.47 -22.47 9.73
CA GLU B 36 -4.40 -23.24 8.47
C GLU B 36 -3.48 -22.40 7.60
N VAL B 37 -2.72 -23.05 6.72
CA VAL B 37 -1.80 -22.35 5.83
C VAL B 37 -1.64 -23.10 4.52
N ALA B 38 -0.75 -22.60 3.67
CA ALA B 38 -0.46 -23.24 2.39
C ALA B 38 1.02 -23.62 2.38
N ILE B 39 1.33 -24.77 1.80
CA ILE B 39 2.71 -25.24 1.76
C ILE B 39 3.16 -25.69 0.39
N LYS B 40 4.31 -25.19 -0.03
CA LYS B 40 4.87 -25.54 -1.31
C LYS B 40 5.94 -26.58 -1.08
N LEU B 41 6.03 -27.57 -1.96
CA LEU B 41 7.11 -28.54 -1.84
C LEU B 41 7.73 -28.51 -3.22
N GLU B 42 8.98 -28.07 -3.28
CA GLU B 42 9.72 -27.93 -4.53
C GLU B 42 10.96 -28.82 -4.46
N CYS B 43 11.08 -29.79 -5.37
CA CYS B 43 12.24 -30.69 -5.36
C CYS B 43 13.55 -29.97 -5.73
N VAL B 44 14.68 -30.55 -5.33
CA VAL B 44 15.99 -29.95 -5.64
C VAL B 44 16.46 -30.21 -7.07
N GLU B 54 11.72 -17.78 -4.43
CA GLU B 54 10.63 -16.83 -4.12
C GLU B 54 10.91 -16.18 -2.77
N SER B 55 11.82 -16.78 -2.01
CA SER B 55 12.17 -16.25 -0.70
C SER B 55 12.57 -14.78 -0.75
N LYS B 56 13.55 -14.43 -1.60
CA LYS B 56 14.02 -13.05 -1.73
C LYS B 56 12.90 -12.08 -2.06
N PHE B 57 12.02 -12.50 -2.96
CA PHE B 57 10.87 -11.72 -3.35
C PHE B 57 10.06 -11.32 -2.13
N TYR B 58 9.60 -12.34 -1.42
CA TYR B 58 8.75 -12.20 -0.25
C TYR B 58 9.30 -11.45 0.95
N LYS B 59 10.61 -11.45 1.13
CA LYS B 59 11.16 -10.74 2.28
C LYS B 59 11.33 -9.26 1.98
N MET B 60 11.46 -8.92 0.70
CA MET B 60 11.60 -7.53 0.27
C MET B 60 10.20 -6.94 0.17
N MET B 61 9.25 -7.82 -0.13
CA MET B 61 7.84 -7.45 -0.30
C MET B 61 7.06 -7.53 0.99
N GLN B 62 7.59 -8.25 1.97
CA GLN B 62 6.88 -8.39 3.23
C GLN B 62 6.32 -7.05 3.69
N GLY B 63 5.12 -7.10 4.24
CA GLY B 63 4.49 -5.88 4.73
C GLY B 63 3.55 -5.15 3.79
N GLY B 64 3.80 -5.27 2.49
CA GLY B 64 2.96 -4.59 1.52
C GLY B 64 1.52 -5.04 1.45
N VAL B 65 0.67 -4.17 0.91
CA VAL B 65 -0.74 -4.48 0.77
C VAL B 65 -0.88 -5.55 -0.30
N GLY B 66 -1.51 -6.66 0.05
CA GLY B 66 -1.71 -7.70 -0.94
C GLY B 66 -0.57 -8.68 -1.06
N ILE B 67 0.46 -8.50 -0.25
CA ILE B 67 1.59 -9.40 -0.30
C ILE B 67 1.35 -10.42 0.80
N PRO B 68 1.23 -11.71 0.42
CA PRO B 68 1.00 -12.76 1.42
C PRO B 68 2.21 -12.97 2.33
N SER B 69 1.95 -13.49 3.53
CA SER B 69 3.01 -13.73 4.49
C SER B 69 3.61 -15.11 4.44
N ILE B 70 4.93 -15.15 4.46
CA ILE B 70 5.64 -16.41 4.50
C ILE B 70 5.81 -16.66 5.98
N LYS B 71 5.37 -17.82 6.44
CA LYS B 71 5.49 -18.13 7.86
C LYS B 71 6.68 -19.03 8.18
N TRP B 72 7.26 -19.66 7.16
CA TRP B 72 8.41 -20.55 7.38
C TRP B 72 9.02 -21.14 6.11
N CYS B 73 10.33 -21.01 6.00
CA CYS B 73 11.10 -21.54 4.89
C CYS B 73 12.01 -22.60 5.48
N GLY B 74 12.49 -23.49 4.64
CA GLY B 74 13.38 -24.52 5.14
C GLY B 74 13.38 -25.70 4.21
N ALA B 75 14.15 -26.69 4.59
CA ALA B 75 14.28 -27.90 3.81
C ALA B 75 13.55 -29.01 4.54
N GLU B 76 12.98 -29.94 3.79
CA GLU B 76 12.33 -31.09 4.40
C GLU B 76 12.73 -32.25 3.51
N GLY B 77 13.68 -33.04 3.99
CA GLY B 77 14.17 -34.12 3.18
C GLY B 77 14.89 -33.54 1.98
N ASP B 78 14.36 -33.79 0.78
CA ASP B 78 14.94 -33.31 -0.48
C ASP B 78 14.13 -32.20 -1.13
N TYR B 79 13.09 -31.75 -0.44
CA TYR B 79 12.23 -30.70 -0.95
C TYR B 79 12.59 -29.38 -0.31
N ASN B 80 12.23 -28.29 -0.95
CA ASN B 80 12.43 -27.00 -0.36
C ASN B 80 11.00 -26.68 0.05
N VAL B 81 10.82 -26.28 1.30
CA VAL B 81 9.49 -26.01 1.80
C VAL B 81 9.27 -24.54 2.10
N MET B 82 8.07 -24.07 1.79
CA MET B 82 7.69 -22.70 2.06
C MET B 82 6.26 -22.70 2.58
N VAL B 83 6.03 -22.07 3.73
CA VAL B 83 4.70 -22.01 4.30
C VAL B 83 4.15 -20.59 4.26
N MET B 84 2.96 -20.41 3.68
CA MET B 84 2.36 -19.08 3.68
C MET B 84 0.90 -19.11 4.13
N GLU B 85 0.43 -17.97 4.63
CA GLU B 85 -0.95 -17.83 5.07
C GLU B 85 -1.89 -18.34 3.97
N LEU B 86 -2.88 -19.15 4.35
CA LEU B 86 -3.84 -19.67 3.38
C LEU B 86 -4.69 -18.52 2.83
N LEU B 87 -4.92 -18.53 1.52
CA LEU B 87 -5.73 -17.50 0.91
C LEU B 87 -7.01 -18.00 0.26
N GLY B 88 -7.69 -17.11 -0.44
CA GLY B 88 -8.94 -17.45 -1.10
C GLY B 88 -8.77 -17.97 -2.51
N PRO B 89 -9.86 -18.05 -3.28
CA PRO B 89 -9.75 -18.54 -4.66
C PRO B 89 -8.94 -17.59 -5.54
N SER B 90 -8.45 -18.11 -6.66
CA SER B 90 -7.71 -17.28 -7.59
C SER B 90 -8.72 -16.62 -8.53
N LEU B 91 -8.26 -15.71 -9.37
CA LEU B 91 -9.16 -15.02 -10.27
C LEU B 91 -9.70 -15.88 -11.39
N GLU B 92 -8.98 -16.97 -11.68
CA GLU B 92 -9.39 -17.91 -12.72
C GLU B 92 -10.43 -18.86 -12.11
N ASP B 93 -10.28 -19.18 -10.83
CA ASP B 93 -11.26 -20.02 -10.15
C ASP B 93 -12.57 -19.25 -10.19
N LEU B 94 -12.52 -18.02 -9.69
CA LEU B 94 -13.69 -17.16 -9.65
C LEU B 94 -14.25 -16.86 -11.03
N PHE B 95 -13.38 -16.70 -12.02
CA PHE B 95 -13.84 -16.42 -13.38
C PHE B 95 -14.74 -17.56 -13.89
N ASN B 96 -14.36 -18.79 -13.60
CA ASN B 96 -15.15 -19.94 -14.02
C ASN B 96 -16.45 -19.99 -13.23
N PHE B 97 -16.36 -19.72 -11.94
CA PHE B 97 -17.53 -19.70 -11.08
C PHE B 97 -18.54 -18.73 -11.69
N CYS B 98 -18.05 -17.61 -12.20
CA CYS B 98 -18.93 -16.61 -12.81
C CYS B 98 -19.23 -16.91 -14.27
N SER B 99 -19.03 -18.17 -14.65
CA SER B 99 -19.26 -18.60 -16.03
C SER B 99 -18.46 -17.76 -17.02
N ARG B 100 -17.17 -17.61 -16.72
CA ARG B 100 -16.23 -16.87 -17.57
C ARG B 100 -16.76 -15.57 -18.16
N LYS B 101 -17.51 -14.84 -17.34
CA LYS B 101 -18.09 -13.56 -17.71
C LYS B 101 -18.03 -12.67 -16.48
N PHE B 102 -17.37 -11.53 -16.61
CA PHE B 102 -17.22 -10.55 -15.52
C PHE B 102 -17.81 -9.22 -15.99
N SER B 103 -18.66 -8.63 -15.17
CA SER B 103 -19.25 -7.34 -15.52
C SER B 103 -18.13 -6.32 -15.69
N LEU B 104 -18.40 -5.22 -16.38
CA LEU B 104 -17.38 -4.20 -16.56
C LEU B 104 -16.94 -3.63 -15.23
N LYS B 105 -17.89 -3.50 -14.29
CA LYS B 105 -17.55 -2.96 -12.99
C LYS B 105 -16.52 -3.82 -12.26
N THR B 106 -16.71 -5.13 -12.26
CA THR B 106 -15.76 -6.00 -11.59
C THR B 106 -14.38 -5.92 -12.24
N VAL B 107 -14.35 -5.88 -13.57
CA VAL B 107 -13.09 -5.77 -14.28
C VAL B 107 -12.34 -4.51 -13.83
N LEU B 108 -13.05 -3.39 -13.74
CA LEU B 108 -12.45 -2.13 -13.32
C LEU B 108 -11.98 -2.17 -11.88
N LEU B 109 -12.80 -2.69 -10.99
CA LEU B 109 -12.42 -2.81 -9.58
C LEU B 109 -11.15 -3.65 -9.44
N LEU B 110 -11.06 -4.72 -10.24
CA LEU B 110 -9.90 -5.60 -10.23
C LEU B 110 -8.67 -4.94 -10.83
N ALA B 111 -8.90 -4.16 -11.88
CA ALA B 111 -7.81 -3.49 -12.56
C ALA B 111 -7.05 -2.53 -11.65
N ASP B 112 -7.78 -1.79 -10.83
CA ASP B 112 -7.15 -0.83 -9.94
C ASP B 112 -6.26 -1.51 -8.91
N GLN B 113 -6.75 -2.58 -8.31
CA GLN B 113 -5.91 -3.28 -7.34
C GLN B 113 -4.71 -3.94 -8.03
N MET B 114 -4.96 -4.59 -9.16
CA MET B 114 -3.91 -5.26 -9.88
C MET B 114 -2.78 -4.34 -10.35
N ILE B 115 -3.11 -3.12 -10.77
CA ILE B 115 -2.08 -2.18 -11.21
C ILE B 115 -1.25 -1.78 -9.99
N SER B 116 -1.94 -1.62 -8.86
CA SER B 116 -1.30 -1.26 -7.60
C SER B 116 -0.33 -2.33 -7.10
N ARG B 117 -0.72 -3.60 -7.17
CA ARG B 117 0.12 -4.69 -6.73
C ARG B 117 1.42 -4.70 -7.52
N ILE B 118 1.29 -4.53 -8.84
CA ILE B 118 2.43 -4.53 -9.73
C ILE B 118 3.33 -3.33 -9.46
N GLU B 119 2.74 -2.16 -9.31
CA GLU B 119 3.50 -0.94 -9.02
C GLU B 119 4.31 -1.11 -7.75
N TYR B 120 3.71 -1.76 -6.76
CA TYR B 120 4.37 -1.98 -5.50
C TYR B 120 5.61 -2.87 -5.66
N ILE B 121 5.44 -3.98 -6.35
CA ILE B 121 6.53 -4.90 -6.58
C ILE B 121 7.67 -4.14 -7.25
N HIS B 122 7.32 -3.33 -8.26
CA HIS B 122 8.29 -2.52 -8.99
C HIS B 122 8.98 -1.48 -8.08
N SER B 123 8.24 -0.92 -7.14
CA SER B 123 8.88 0.05 -6.25
C SER B 123 9.91 -0.69 -5.40
N LYS B 124 9.80 -2.01 -5.29
CA LYS B 124 10.75 -2.80 -4.52
C LYS B 124 11.81 -3.44 -5.42
N ASN B 125 11.99 -2.87 -6.61
CA ASN B 125 13.00 -3.32 -7.56
C ASN B 125 12.74 -4.69 -8.16
N PHE B 126 11.48 -5.06 -8.32
CA PHE B 126 11.17 -6.38 -8.88
C PHE B 126 10.13 -6.37 -10.00
N ILE B 127 10.21 -7.37 -10.86
CA ILE B 127 9.22 -7.55 -11.92
C ILE B 127 8.68 -8.95 -11.66
N HIS B 128 7.39 -9.14 -11.91
CA HIS B 128 6.74 -10.41 -11.64
C HIS B 128 6.97 -11.50 -12.68
N ARG B 129 6.98 -11.09 -13.95
CA ARG B 129 7.22 -11.96 -15.08
C ARG B 129 6.18 -13.02 -15.40
N ASP B 130 5.13 -13.11 -14.59
CA ASP B 130 4.10 -14.10 -14.88
C ASP B 130 2.73 -13.65 -14.36
N VAL B 131 2.33 -12.46 -14.80
CA VAL B 131 1.05 -11.87 -14.43
C VAL B 131 -0.05 -12.61 -15.17
N LYS B 132 -0.95 -13.26 -14.42
CA LYS B 132 -2.06 -13.99 -15.01
C LYS B 132 -3.11 -14.27 -13.91
N PRO B 133 -4.34 -14.63 -14.29
CA PRO B 133 -5.45 -14.92 -13.36
C PRO B 133 -5.05 -15.84 -12.20
N ASP B 134 -4.38 -16.94 -12.50
CA ASP B 134 -3.96 -17.88 -11.47
C ASP B 134 -3.08 -17.35 -10.35
N ASN B 135 -2.26 -16.34 -10.65
CA ASN B 135 -1.37 -15.80 -9.62
C ASN B 135 -1.96 -14.64 -8.84
N PHE B 136 -3.28 -14.47 -8.93
CA PHE B 136 -3.98 -13.43 -8.21
C PHE B 136 -5.06 -14.11 -7.36
N LEU B 137 -4.90 -14.04 -6.03
CA LEU B 137 -5.84 -14.66 -5.10
C LEU B 137 -6.57 -13.67 -4.20
N MET B 138 -7.81 -14.01 -3.87
CA MET B 138 -8.63 -13.15 -3.01
C MET B 138 -8.36 -13.51 -1.56
N GLY B 139 -8.53 -12.55 -0.67
CA GLY B 139 -8.31 -12.83 0.73
C GLY B 139 -9.42 -13.67 1.33
N LEU B 140 -9.32 -13.97 2.63
CA LEU B 140 -10.33 -14.75 3.30
C LEU B 140 -10.98 -13.88 4.34
N GLY B 141 -12.19 -14.25 4.74
CA GLY B 141 -12.90 -13.48 5.74
C GLY B 141 -12.86 -11.99 5.45
N LYS B 142 -12.56 -11.21 6.49
CA LYS B 142 -12.50 -9.76 6.37
C LYS B 142 -11.71 -9.22 5.19
N LYS B 143 -10.67 -9.93 4.77
CA LYS B 143 -9.84 -9.48 3.66
C LYS B 143 -10.32 -10.03 2.31
N GLY B 144 -11.55 -10.54 2.30
CA GLY B 144 -12.15 -11.12 1.10
C GLY B 144 -12.28 -10.25 -0.14
N ASN B 145 -12.17 -8.93 0.00
CA ASN B 145 -12.25 -8.05 -1.16
C ASN B 145 -10.87 -7.55 -1.55
N LEU B 146 -9.84 -8.16 -0.99
CA LEU B 146 -8.47 -7.76 -1.30
C LEU B 146 -7.84 -8.77 -2.25
N VAL B 147 -7.24 -8.26 -3.31
CA VAL B 147 -6.55 -9.08 -4.30
C VAL B 147 -5.07 -9.23 -3.94
N TYR B 148 -4.60 -10.47 -3.81
CA TYR B 148 -3.20 -10.74 -3.47
C TYR B 148 -2.43 -11.25 -4.68
N ILE B 149 -1.20 -10.79 -4.86
CA ILE B 149 -0.41 -11.25 -5.97
C ILE B 149 0.60 -12.26 -5.43
N ILE B 150 0.70 -13.43 -6.06
CA ILE B 150 1.64 -14.43 -5.59
C ILE B 150 2.73 -14.75 -6.59
N ASP B 151 3.94 -14.98 -6.07
CA ASP B 151 5.07 -15.34 -6.91
C ASP B 151 5.46 -16.76 -6.60
N PHE B 152 5.43 -17.63 -7.61
CA PHE B 152 5.81 -19.01 -7.37
C PHE B 152 7.29 -19.20 -7.63
N GLY B 153 7.93 -18.18 -8.20
CA GLY B 153 9.35 -18.28 -8.47
C GLY B 153 9.88 -17.63 -9.74
N LEU B 154 9.05 -16.91 -10.49
CA LEU B 154 9.52 -16.27 -11.71
C LEU B 154 9.91 -14.80 -11.51
N ALA B 155 9.54 -14.24 -10.37
CA ALA B 155 9.84 -12.84 -10.07
C ALA B 155 11.34 -12.62 -9.92
N LYS B 156 11.85 -11.47 -10.36
CA LYS B 156 13.27 -11.17 -10.22
C LYS B 156 13.57 -9.69 -10.18
N LYS B 157 14.76 -9.35 -9.68
CA LYS B 157 15.20 -7.95 -9.59
C LYS B 157 15.46 -7.40 -10.99
N TYR B 158 14.97 -6.20 -11.26
CA TYR B 158 15.21 -5.61 -12.57
C TYR B 158 16.16 -4.44 -12.43
N ARG B 159 16.43 -4.02 -11.19
CA ARG B 159 17.36 -2.92 -10.93
C ARG B 159 18.09 -3.15 -9.62
N ASP B 160 19.31 -2.62 -9.52
CA ASP B 160 20.11 -2.77 -8.31
C ASP B 160 19.40 -2.07 -7.14
N ALA B 161 19.50 -2.64 -5.94
CA ALA B 161 18.85 -2.06 -4.78
C ALA B 161 19.45 -0.71 -4.38
N ARG B 162 20.77 -0.65 -4.39
CA ARG B 162 21.49 0.57 -4.01
C ARG B 162 21.55 1.68 -5.07
N THR B 163 22.07 1.34 -6.25
CA THR B 163 22.22 2.31 -7.33
C THR B 163 20.96 2.54 -8.17
N HIS B 164 20.12 1.51 -8.26
CA HIS B 164 18.88 1.51 -9.05
C HIS B 164 19.21 1.35 -10.53
N GLN B 165 20.41 0.84 -10.80
CA GLN B 165 20.86 0.60 -12.17
C GLN B 165 19.97 -0.47 -12.78
N HIS B 166 19.21 -0.11 -13.81
CA HIS B 166 18.33 -1.08 -14.45
C HIS B 166 19.17 -2.23 -15.01
N ILE B 167 18.58 -3.42 -15.15
CA ILE B 167 19.32 -4.56 -15.71
C ILE B 167 19.64 -4.29 -17.18
N PRO B 168 20.61 -5.01 -17.74
CA PRO B 168 20.97 -4.83 -19.15
C PRO B 168 19.90 -5.32 -20.13
N TYR B 169 19.80 -4.64 -21.27
CA TYR B 169 18.87 -5.06 -22.30
C TYR B 169 19.49 -6.38 -22.74
N ARG B 170 18.66 -7.30 -23.21
CA ARG B 170 19.19 -8.59 -23.61
C ARG B 170 18.15 -9.37 -24.41
N GLU B 171 18.56 -9.87 -25.57
CA GLU B 171 17.64 -10.67 -26.37
C GLU B 171 18.01 -12.14 -26.37
N ASN B 172 17.33 -12.91 -27.21
CA ASN B 172 17.56 -14.35 -27.30
C ASN B 172 17.23 -15.03 -25.99
N LYS B 173 16.12 -14.65 -25.35
CA LYS B 173 15.74 -15.28 -24.09
C LYS B 173 14.57 -16.23 -24.25
N ASN B 174 14.62 -17.33 -23.51
CA ASN B 174 13.56 -18.33 -23.53
C ASN B 174 12.28 -17.76 -22.95
N LEU B 175 11.14 -18.15 -23.51
CA LEU B 175 9.85 -17.66 -23.03
C LEU B 175 9.64 -17.97 -21.55
N THR B 176 9.61 -16.93 -20.72
CA THR B 176 9.39 -17.13 -19.31
C THR B 176 8.00 -16.61 -18.99
N GLY B 177 7.20 -17.42 -18.32
CA GLY B 177 5.84 -17.05 -17.98
C GLY B 177 4.87 -17.73 -18.93
N THR B 178 3.58 -17.64 -18.65
CA THR B 178 2.57 -18.24 -19.51
C THR B 178 2.58 -17.63 -20.90
N ALA B 179 2.30 -18.44 -21.91
CA ALA B 179 2.30 -17.98 -23.30
C ALA B 179 1.09 -17.09 -23.62
N ARG B 180 -0.05 -17.41 -23.04
CA ARG B 180 -1.27 -16.65 -23.30
C ARG B 180 -1.24 -15.17 -22.89
N TYR B 181 -0.55 -14.84 -21.81
CA TYR B 181 -0.51 -13.44 -21.36
C TYR B 181 0.84 -12.73 -21.55
N ALA B 182 1.77 -13.37 -22.25
CA ALA B 182 3.09 -12.80 -22.47
C ALA B 182 3.06 -11.57 -23.36
N SER B 183 3.94 -10.62 -23.07
CA SER B 183 4.03 -9.40 -23.86
C SER B 183 4.64 -9.81 -25.20
N ILE B 184 4.37 -9.02 -26.23
CA ILE B 184 4.89 -9.25 -27.56
C ILE B 184 6.41 -9.32 -27.59
N ASN B 185 7.08 -8.48 -26.81
CA ASN B 185 8.54 -8.52 -26.79
C ASN B 185 9.06 -9.78 -26.11
N THR B 186 8.31 -10.31 -25.16
CA THR B 186 8.76 -11.53 -24.48
C THR B 186 8.82 -12.62 -25.55
N HIS B 187 7.81 -12.66 -26.40
CA HIS B 187 7.76 -13.64 -27.48
C HIS B 187 8.97 -13.47 -28.38
N LEU B 188 9.47 -12.25 -28.49
CA LEU B 188 10.60 -11.96 -29.34
C LEU B 188 11.96 -12.25 -28.69
N GLY B 189 11.94 -12.85 -27.50
CA GLY B 189 13.18 -13.19 -26.80
C GLY B 189 13.85 -12.06 -26.05
N ILE B 190 13.14 -10.95 -25.89
CA ILE B 190 13.68 -9.79 -25.19
C ILE B 190 13.49 -9.84 -23.68
N GLU B 191 14.52 -9.39 -22.96
CA GLU B 191 14.49 -9.35 -21.50
C GLU B 191 13.21 -8.65 -21.02
N GLN B 192 12.69 -9.09 -19.89
CA GLN B 192 11.50 -8.46 -19.36
C GLN B 192 11.84 -7.33 -18.41
N SER B 193 10.99 -6.32 -18.40
CA SER B 193 11.15 -5.16 -17.55
C SER B 193 9.78 -4.80 -17.01
N ARG B 194 9.67 -3.64 -16.38
CA ARG B 194 8.40 -3.23 -15.80
C ARG B 194 7.27 -3.13 -16.80
N ARG B 195 7.60 -2.75 -18.04
CA ARG B 195 6.57 -2.58 -19.05
C ARG B 195 5.77 -3.84 -19.35
N ASP B 196 6.48 -4.98 -19.40
CA ASP B 196 5.89 -6.28 -19.70
C ASP B 196 4.88 -6.81 -18.69
N ASP B 197 5.10 -6.53 -17.42
CA ASP B 197 4.15 -6.98 -16.40
C ASP B 197 2.82 -6.30 -16.71
N LEU B 198 2.89 -5.01 -17.03
CA LEU B 198 1.72 -4.20 -17.35
C LEU B 198 1.03 -4.59 -18.66
N GLU B 199 1.80 -5.06 -19.63
CA GLU B 199 1.19 -5.46 -20.88
C GLU B 199 0.44 -6.76 -20.67
N SER B 200 1.01 -7.66 -19.88
CA SER B 200 0.36 -8.93 -19.59
C SER B 200 -0.97 -8.67 -18.88
N LEU B 201 -0.94 -7.78 -17.88
CA LEU B 201 -2.13 -7.39 -17.14
C LEU B 201 -3.17 -6.87 -18.11
N GLY B 202 -2.70 -6.28 -19.20
CA GLY B 202 -3.60 -5.78 -20.22
C GLY B 202 -4.29 -6.96 -20.90
N TYR B 203 -3.56 -8.02 -21.19
CA TYR B 203 -4.19 -9.16 -21.82
C TYR B 203 -5.13 -9.85 -20.83
N VAL B 204 -4.75 -9.86 -19.55
CA VAL B 204 -5.60 -10.48 -18.55
C VAL B 204 -6.95 -9.77 -18.51
N LEU B 205 -6.91 -8.43 -18.47
CA LEU B 205 -8.12 -7.64 -18.42
C LEU B 205 -9.05 -7.90 -19.58
N MET B 206 -8.49 -7.94 -20.79
CA MET B 206 -9.29 -8.19 -21.98
C MET B 206 -9.78 -9.63 -21.91
N TYR B 207 -8.96 -10.47 -21.30
CA TYR B 207 -9.31 -11.87 -21.12
C TYR B 207 -10.61 -11.93 -20.32
N PHE B 208 -10.69 -11.16 -19.24
CA PHE B 208 -11.90 -11.13 -18.43
C PHE B 208 -13.07 -10.52 -19.19
N ASN B 209 -12.80 -9.47 -19.96
CA ASN B 209 -13.84 -8.81 -20.75
C ASN B 209 -14.43 -9.75 -21.79
N LEU B 210 -13.57 -10.51 -22.47
CA LEU B 210 -14.00 -11.41 -23.52
C LEU B 210 -14.47 -12.81 -23.11
N GLY B 211 -13.72 -13.45 -22.24
CA GLY B 211 -14.06 -14.80 -21.82
C GLY B 211 -12.95 -15.70 -22.31
N SER B 212 -12.22 -15.20 -23.30
CA SER B 212 -11.09 -15.94 -23.89
C SER B 212 -10.36 -15.03 -24.86
N LEU B 213 -9.08 -15.30 -25.11
CA LEU B 213 -8.33 -14.48 -26.05
C LEU B 213 -8.29 -15.11 -27.44
N PRO B 214 -8.18 -14.29 -28.48
CA PRO B 214 -8.15 -14.81 -29.85
C PRO B 214 -6.99 -15.76 -30.17
N TRP B 215 -5.93 -15.75 -29.37
CA TRP B 215 -4.79 -16.65 -29.60
C TRP B 215 -4.83 -17.83 -28.65
N GLN B 216 -5.96 -17.99 -27.99
CA GLN B 216 -6.14 -19.06 -27.03
C GLN B 216 -6.61 -20.33 -27.71
N GLY B 217 -6.22 -21.47 -27.15
CA GLY B 217 -6.61 -22.77 -27.69
C GLY B 217 -6.24 -23.03 -29.15
N LEU B 218 -5.22 -22.35 -29.67
CA LEU B 218 -4.83 -22.57 -31.07
C LEU B 218 -4.31 -23.97 -31.35
N LYS B 219 -4.92 -24.63 -32.35
CA LYS B 219 -4.54 -25.98 -32.78
C LYS B 219 -3.03 -26.03 -33.02
N ALA B 220 -2.35 -26.95 -32.35
CA ALA B 220 -0.91 -27.06 -32.54
C ALA B 220 -0.44 -28.45 -32.16
N ALA B 221 -0.03 -29.21 -33.16
CA ALA B 221 0.46 -30.57 -32.94
C ALA B 221 1.46 -30.55 -31.77
N THR B 222 2.70 -30.21 -32.10
CA THR B 222 3.75 -30.15 -31.10
C THR B 222 3.46 -29.11 -30.03
N LYS B 223 4.44 -28.97 -29.13
CA LYS B 223 4.40 -28.06 -28.00
C LYS B 223 5.20 -26.76 -28.27
N ARG B 224 6.00 -26.75 -29.33
CA ARG B 224 6.79 -25.56 -29.69
C ARG B 224 5.97 -24.82 -30.74
N GLN B 225 5.42 -25.56 -31.69
CA GLN B 225 4.60 -24.94 -32.71
C GLN B 225 3.44 -24.21 -32.04
N LYS B 226 3.11 -24.59 -30.82
CA LYS B 226 2.03 -23.90 -30.13
C LYS B 226 2.46 -22.51 -29.72
N TYR B 227 3.61 -22.41 -29.05
CA TYR B 227 4.10 -21.12 -28.63
C TYR B 227 4.25 -20.27 -29.90
N GLU B 228 4.74 -20.91 -30.95
CA GLU B 228 4.93 -20.20 -32.21
C GLU B 228 3.62 -19.69 -32.81
N ARG B 229 2.56 -20.48 -32.66
CA ARG B 229 1.26 -20.07 -33.17
C ARG B 229 0.69 -18.88 -32.38
N ILE B 230 0.74 -18.98 -31.05
CA ILE B 230 0.24 -17.93 -30.18
C ILE B 230 0.98 -16.64 -30.52
N SER B 231 2.30 -16.77 -30.55
CA SER B 231 3.18 -15.65 -30.85
C SER B 231 2.73 -14.93 -32.10
N GLU B 232 2.58 -15.69 -33.18
CA GLU B 232 2.16 -15.13 -34.46
C GLU B 232 0.80 -14.43 -34.42
N LYS B 233 -0.24 -15.13 -33.94
CA LYS B 233 -1.56 -14.50 -33.91
C LYS B 233 -1.63 -13.27 -32.99
N LYS B 234 -0.89 -13.28 -31.88
CA LYS B 234 -0.94 -12.14 -30.96
C LYS B 234 -0.44 -10.88 -31.67
N MET B 235 0.55 -11.05 -32.52
CA MET B 235 1.10 -9.91 -33.26
C MET B 235 0.21 -9.54 -34.43
N SER B 236 -0.54 -10.51 -34.95
CA SER B 236 -1.46 -10.26 -36.07
C SER B 236 -2.66 -9.47 -35.59
N THR B 237 -3.08 -9.71 -34.35
CA THR B 237 -4.24 -9.02 -33.80
C THR B 237 -4.00 -7.60 -33.30
N PRO B 238 -4.41 -6.60 -34.10
CA PRO B 238 -4.19 -5.23 -33.63
C PRO B 238 -5.06 -4.93 -32.41
N ILE B 239 -4.53 -4.12 -31.51
CA ILE B 239 -5.23 -3.75 -30.29
C ILE B 239 -6.66 -3.28 -30.54
N GLU B 240 -6.89 -2.55 -31.62
CA GLU B 240 -8.27 -2.11 -31.88
C GLU B 240 -9.18 -3.30 -32.19
N VAL B 241 -8.66 -4.33 -32.86
CA VAL B 241 -9.50 -5.50 -33.17
C VAL B 241 -9.78 -6.28 -31.88
N LEU B 242 -8.75 -6.38 -31.04
CA LEU B 242 -8.86 -7.10 -29.78
C LEU B 242 -9.84 -6.51 -28.77
N CYS B 243 -9.95 -5.18 -28.76
CA CYS B 243 -10.80 -4.49 -27.80
C CYS B 243 -12.06 -3.90 -28.39
N LYS B 244 -12.35 -4.24 -29.64
CA LYS B 244 -13.54 -3.73 -30.30
C LYS B 244 -14.85 -3.99 -29.53
N GLY B 245 -15.65 -2.95 -29.38
CA GLY B 245 -16.92 -3.08 -28.68
C GLY B 245 -16.83 -2.96 -27.18
N TYR B 246 -15.64 -2.59 -26.68
CA TYR B 246 -15.39 -2.41 -25.26
C TYR B 246 -14.84 -1.00 -25.08
N PRO B 247 -14.98 -0.43 -23.88
CA PRO B 247 -14.45 0.92 -23.65
C PRO B 247 -13.06 1.06 -24.27
N SER B 248 -12.77 2.23 -24.83
CA SER B 248 -11.49 2.49 -25.50
C SER B 248 -10.30 2.55 -24.55
N GLU B 249 -10.63 2.66 -23.27
CA GLU B 249 -9.64 2.78 -22.24
C GLU B 249 -8.85 1.46 -22.17
N PHE B 250 -9.37 0.41 -22.79
CA PHE B 250 -8.69 -0.88 -22.82
C PHE B 250 -7.69 -0.89 -23.99
N SER B 251 -8.00 -0.14 -25.03
CA SER B 251 -7.11 -0.02 -26.18
C SER B 251 -5.99 0.91 -25.77
N THR B 252 -6.38 1.98 -25.07
CA THR B 252 -5.43 2.98 -24.61
C THR B 252 -4.42 2.39 -23.64
N TYR B 253 -4.90 1.58 -22.70
CA TYR B 253 -4.03 0.94 -21.73
C TYR B 253 -2.97 0.10 -22.44
N LEU B 254 -3.39 -0.84 -23.28
CA LEU B 254 -2.46 -1.69 -24.00
C LEU B 254 -1.53 -0.90 -24.91
N ASN B 255 -2.07 0.08 -25.64
CA ASN B 255 -1.24 0.89 -26.50
C ASN B 255 -0.16 1.56 -25.68
N PHE B 256 -0.55 2.15 -24.56
CA PHE B 256 0.39 2.81 -23.67
C PHE B 256 1.49 1.85 -23.25
N CYS B 257 1.12 0.65 -22.80
CA CYS B 257 2.12 -0.33 -22.38
C CYS B 257 3.06 -0.67 -23.51
N ARG B 258 2.49 -0.99 -24.67
CA ARG B 258 3.30 -1.36 -25.81
C ARG B 258 4.21 -0.25 -26.30
N SER B 259 4.10 0.94 -25.75
CA SER B 259 4.94 2.04 -26.21
C SER B 259 6.07 2.37 -25.23
N LEU B 260 6.10 1.66 -24.11
CA LEU B 260 7.11 1.90 -23.10
C LEU B 260 8.51 1.47 -23.52
N ARG B 261 9.51 2.27 -23.14
CA ARG B 261 10.88 1.93 -23.46
C ARG B 261 11.29 0.83 -22.48
N PHE B 262 12.26 0.02 -22.89
CA PHE B 262 12.71 -1.07 -22.06
C PHE B 262 12.94 -0.66 -20.60
N ASP B 263 13.63 0.46 -20.39
CA ASP B 263 13.89 0.89 -19.02
C ASP B 263 13.00 2.03 -18.51
N ASP B 264 11.95 2.36 -19.26
CA ASP B 264 11.03 3.42 -18.85
C ASP B 264 10.33 3.08 -17.55
N LYS B 265 9.89 4.12 -16.86
CA LYS B 265 9.14 3.95 -15.63
C LYS B 265 7.68 4.21 -15.98
N PRO B 266 6.82 3.19 -15.85
CA PRO B 266 5.40 3.33 -16.16
C PRO B 266 4.69 4.35 -15.26
N ASP B 267 3.74 5.11 -15.82
CA ASP B 267 2.97 6.05 -15.00
C ASP B 267 1.74 5.23 -14.58
N TYR B 268 1.84 4.63 -13.41
CA TYR B 268 0.78 3.81 -12.87
C TYR B 268 -0.49 4.61 -12.65
N SER B 269 -0.36 5.78 -12.05
CA SER B 269 -1.50 6.65 -11.80
C SER B 269 -2.27 6.94 -13.08
N TYR B 270 -1.55 7.24 -14.15
CA TYR B 270 -2.19 7.49 -15.43
C TYR B 270 -3.06 6.30 -15.80
N LEU B 271 -2.52 5.10 -15.65
CA LEU B 271 -3.23 3.88 -15.98
C LEU B 271 -4.39 3.61 -15.03
N ARG B 272 -4.19 3.88 -13.75
CA ARG B 272 -5.27 3.68 -12.82
C ARG B 272 -6.36 4.71 -13.14
N GLN B 273 -5.96 5.97 -13.24
CA GLN B 273 -6.91 7.05 -13.52
C GLN B 273 -7.69 6.80 -14.80
N LEU B 274 -7.06 6.09 -15.74
CA LEU B 274 -7.70 5.76 -17.00
C LEU B 274 -8.98 4.98 -16.70
N PHE B 275 -8.87 3.95 -15.88
CA PHE B 275 -10.02 3.13 -15.56
C PHE B 275 -10.96 3.78 -14.57
N ARG B 276 -10.43 4.65 -13.70
CA ARG B 276 -11.26 5.34 -12.74
C ARG B 276 -12.25 6.27 -13.46
N ASN B 277 -11.75 7.09 -14.39
CA ASN B 277 -12.62 7.98 -15.14
C ASN B 277 -13.70 7.15 -15.80
N LEU B 278 -13.33 6.03 -16.40
CA LEU B 278 -14.31 5.19 -17.04
C LEU B 278 -15.35 4.70 -16.05
N PHE B 279 -14.94 4.48 -14.81
CA PHE B 279 -15.86 4.03 -13.78
C PHE B 279 -16.89 5.15 -13.61
N HIS B 280 -16.38 6.37 -13.46
CA HIS B 280 -17.23 7.53 -13.29
C HIS B 280 -18.22 7.70 -14.44
N ARG B 281 -17.73 7.73 -15.67
CA ARG B 281 -18.61 7.91 -16.84
C ARG B 281 -19.69 6.85 -16.97
N GLN B 282 -19.44 5.68 -16.42
CA GLN B 282 -20.39 4.58 -16.49
C GLN B 282 -21.47 4.69 -15.41
N GLY B 283 -21.27 5.62 -14.48
CA GLY B 283 -22.21 5.85 -13.41
C GLY B 283 -22.39 4.70 -12.43
N PHE B 284 -21.44 3.76 -12.37
CA PHE B 284 -21.56 2.65 -11.43
C PHE B 284 -21.75 3.08 -9.98
N SER B 285 -22.17 2.13 -9.17
CA SER B 285 -22.36 2.38 -7.76
C SER B 285 -20.97 2.21 -7.18
N TYR B 286 -20.64 2.94 -6.13
CA TYR B 286 -19.32 2.79 -5.54
C TYR B 286 -19.29 1.74 -4.42
N ASP B 287 -20.27 0.84 -4.46
CA ASP B 287 -20.39 -0.25 -3.50
C ASP B 287 -19.33 -1.27 -3.91
N TYR B 288 -18.42 -1.61 -2.99
CA TYR B 288 -17.39 -2.57 -3.37
C TYR B 288 -17.88 -4.01 -3.31
N VAL B 289 -18.40 -4.47 -4.44
CA VAL B 289 -18.91 -5.82 -4.57
C VAL B 289 -18.50 -6.38 -5.91
N PHE B 290 -17.83 -7.53 -5.87
CA PHE B 290 -17.40 -8.22 -7.07
C PHE B 290 -18.55 -9.13 -7.48
N ASP B 291 -18.63 -9.44 -8.77
CA ASP B 291 -19.68 -10.30 -9.29
C ASP B 291 -20.01 -11.54 -8.48
N TRP B 292 -18.99 -12.30 -8.08
CA TRP B 292 -19.20 -13.52 -7.35
C TRP B 292 -19.85 -13.41 -5.98
N ASN B 293 -20.11 -12.19 -5.52
CA ASN B 293 -20.74 -12.02 -4.22
C ASN B 293 -22.10 -11.39 -4.40
N MET B 294 -22.52 -11.31 -5.65
CA MET B 294 -23.80 -10.79 -6.03
C MET B 294 -24.63 -11.94 -6.50
N LEU B 295 -25.85 -11.61 -6.89
CA LEU B 295 -26.80 -12.58 -7.38
C LEU B 295 -27.81 -11.74 -8.16
C1 16W C . 12.28 8.73 14.70
C2 16W C . 13.50 8.90 14.02
C3 16W C . 14.59 7.93 14.18
C7 16W C . 14.98 13.15 8.74
C8 16W C . 13.71 13.46 10.78
C9 16W C . 13.50 12.03 10.94
C10 16W C . 14.08 11.23 9.93
C11 16W C . 12.74 11.88 12.13
C12 16W C . 12.31 10.67 12.77
C13 16W C . 11.33 17.32 12.32
C14 16W C . 13.41 17.29 13.69
C15 16W C . 13.55 15.83 13.44
C16 16W C . 12.99 15.39 12.08
N2 16W C . 14.43 13.99 9.70
N4 16W C . 14.78 11.80 8.89
N5 16W C . 13.08 13.97 11.83
N1 16W C . 12.52 13.09 12.60
N3 16W C . 13.93 9.89 9.93
O2 16W C . 13.55 10.03 13.19
O1 16W C . 12.04 17.65 13.54
C17 16W C . 11.55 15.86 11.92
C4 16W C . 14.41 6.76 15.06
C5 16W C . 13.14 6.60 15.75
C6 16W C . 12.15 7.62 15.51
CL1 16W C . 10.58 7.79 16.05
S SO4 D . -2.15 4.89 27.11
O1 SO4 D . -3.35 4.26 26.48
O2 SO4 D . -1.21 3.83 27.50
O3 SO4 D . -2.56 5.79 28.29
O4 SO4 D . -1.46 5.82 26.22
S SO4 E . 0.28 20.29 23.29
O1 SO4 E . 0.63 21.05 24.53
O2 SO4 E . -0.18 18.96 23.63
O3 SO4 E . 1.48 20.19 22.32
O4 SO4 E . -0.83 20.98 22.57
S SO4 F . -13.28 -4.46 12.17
O1 SO4 F . -13.64 -5.77 12.75
O2 SO4 F . -12.98 -4.66 10.69
O3 SO4 F . -12.11 -3.96 12.87
O4 SO4 F . -14.35 -3.42 12.31
S SO4 G . -1.65 26.10 20.04
O1 SO4 G . -1.21 25.94 18.65
O2 SO4 G . -0.56 25.72 20.92
O3 SO4 G . -2.08 27.51 20.22
O4 SO4 G . -2.80 25.24 20.29
S SO4 H . -1.17 -8.73 20.37
O1 SO4 H . -1.92 -7.96 19.35
O2 SO4 H . -0.25 -9.68 19.72
O3 SO4 H . -2.12 -9.40 21.22
O4 SO4 H . -0.39 -7.79 21.19
C1 16W I . 3.08 -20.32 -2.47
C2 16W I . 2.08 -20.89 -1.58
C3 16W I . 2.49 -21.47 -0.30
C7 16W I . -4.87 -20.75 -0.99
C8 16W I . -3.41 -21.16 -2.87
C9 16W I . -2.26 -20.56 -2.22
C10 16W I . -2.51 -20.07 -0.93
C11 16W I . -1.17 -20.66 -3.13
C12 16W I . 0.23 -20.19 -3.01
C13 16W I . -4.36 -22.04 -7.49
C14 16W I . -4.14 -24.30 -6.56
C15 16W I . -3.45 -23.69 -5.29
C16 16W I . -3.79 -22.21 -5.03
N2 16W I . -4.67 -21.25 -2.28
N4 16W I . -3.79 -20.16 -0.33
N5 16W I . -2.94 -21.55 -4.04
N1 16W I . -1.67 -21.26 -4.19
N3 16W I . -1.48 -19.49 -0.24
O2 16W I . 0.71 -20.90 -1.90
O1 16W I . -3.95 -23.43 -7.69
C17 16W I . -3.58 -21.47 -6.35
C4 16W I . 3.87 -21.48 0.12
C5 16W I . 4.84 -20.91 -0.75
C6 16W I . 4.41 -20.35 -1.99
CL1 16W I . 5.52 -19.57 -2.98
S SO4 J . -3.39 -21.69 -24.41
O1 SO4 J . -2.58 -20.71 -25.13
O2 SO4 J . -2.52 -22.63 -23.63
O3 SO4 J . -4.16 -22.49 -25.41
O4 SO4 J . -4.39 -20.98 -23.57
S SO4 K . 16.44 -15.28 -15.87
O1 SO4 K . 16.58 -13.81 -15.90
O2 SO4 K . 15.29 -15.65 -15.02
O3 SO4 K . 16.27 -15.69 -17.30
O4 SO4 K . 17.58 -15.92 -15.27
S SO4 L . 13.54 4.74 -12.17
O1 SO4 L . 14.31 5.93 -11.85
O2 SO4 L . 14.40 3.50 -11.99
O3 SO4 L . 12.44 4.59 -11.19
O4 SO4 L . 13.07 4.85 -13.55
S SO4 M . 2.23 -22.24 -21.26
O1 SO4 M . 2.24 -21.94 -19.82
O2 SO4 M . 1.81 -23.66 -21.47
O3 SO4 M . 3.60 -22.10 -21.85
O4 SO4 M . 1.33 -21.27 -21.93
#